data_4OG4
#
_entry.id   4OG4
#
_cell.length_a   48.915
_cell.length_b   80.207
_cell.length_c   124.659
_cell.angle_alpha   90.00
_cell.angle_beta   90.00
_cell.angle_gamma   90.00
#
_symmetry.space_group_name_H-M   'P 21 21 21'
#
loop_
_entity.id
_entity.type
_entity.pdbx_description
1 polymer Menin
2 non-polymer 'SULFATE ION'
3 non-polymer 4-(3-{4-[(S)-cyclopentyl(hydroxy)phenylmethyl]piperidin-1-yl}propoxy)benzonitrile
4 non-polymer 'TETRAETHYLENE GLYCOL'
5 non-polymer 'TRIETHYLENE GLYCOL'
6 non-polymer DI(HYDROXYETHYL)ETHER
7 non-polymer 'DIMETHYL SULFOXIDE'
8 non-polymer 'TERT-BUTYL FORMATE'
9 water water
#
_entity_poly.entity_id   1
_entity_poly.type   'polypeptide(L)'
_entity_poly.pdbx_seq_one_letter_code
;GGSSSMGLKAAQKTLFPLRSIDDVVRLFAAELGREEPDLVLLSLVLGFVEHFLAVNRVGLTYFPVADLSIIAALYARFTA
QIRGAVDLSLYPREGGVSSRELVKKVSDVIWNSLSRSYFKDRAHIQSLFSFITGTKLDSSGVAFAVVGACQALGLRDVHL
ALSEDHAWVVFGPNGEQTAEVTWHGKGNEDRRGQTVNAGVAERSWLYLKGSYMRCDRKMEVAFMVCAINPSIDLHTDSLE
LLQLQQKLLWLLYDLGHLERYPMALGNLADLEELEPTPGRPDPLTLYHKGIASAKTYYRDEHIYPYMYLAGYHCRNRNVR
EALQAWADTATVIQDYNYCREDEEIYKEFFEVANDVIPNLLKEAASLLEAGSQGSALQDPECFAHLLRFYDGICKWEEGS
PTPVLHVGWATFLVQSLGRFEGQVRQKVRIVSVPAPVLTFQSEKMKGMKELLVATKINSSAIKLQLTAQSQVQMKKQKVS
;
_entity_poly.pdbx_strand_id   A
#
# COMPACT_ATOMS: atom_id res chain seq x y z
N GLY A 7 11.47 -27.29 -12.16
CA GLY A 7 11.60 -28.26 -13.26
C GLY A 7 10.49 -28.24 -14.31
N LEU A 8 9.22 -28.41 -13.90
CA LEU A 8 8.77 -28.79 -12.54
C LEU A 8 9.41 -30.07 -12.09
N LYS A 9 9.71 -30.18 -10.81
CA LYS A 9 10.32 -31.34 -10.24
C LYS A 9 9.27 -32.29 -9.77
N ALA A 10 9.61 -33.58 -9.73
CA ALA A 10 8.65 -34.56 -9.33
C ALA A 10 7.94 -34.23 -8.06
N ALA A 11 8.68 -33.72 -7.07
CA ALA A 11 8.15 -33.37 -5.75
C ALA A 11 7.14 -32.23 -5.80
N GLN A 12 7.26 -31.37 -6.80
CA GLN A 12 6.31 -30.32 -6.95
C GLN A 12 4.99 -30.74 -7.51
N LYS A 13 4.94 -31.95 -8.04
CA LYS A 13 3.76 -32.37 -8.81
C LYS A 13 2.80 -33.24 -8.00
N THR A 14 3.27 -33.81 -6.89
CA THR A 14 2.53 -34.82 -6.14
C THR A 14 1.20 -34.37 -5.54
N LEU A 15 1.01 -33.09 -5.21
CA LEU A 15 -0.32 -32.64 -4.69
C LEU A 15 -1.41 -32.46 -5.75
N PHE A 16 -1.03 -32.38 -7.03
CA PHE A 16 -2.03 -32.18 -8.06
C PHE A 16 -2.89 -33.44 -8.18
N PRO A 17 -4.16 -33.33 -8.58
CA PRO A 17 -4.85 -32.05 -8.84
C PRO A 17 -5.23 -31.33 -7.58
N LEU A 18 -5.30 -30.00 -7.68
CA LEU A 18 -5.76 -29.22 -6.53
C LEU A 18 -7.27 -29.05 -6.60
N ARG A 19 -8.00 -29.61 -5.66
CA ARG A 19 -9.46 -29.68 -5.76
C ARG A 19 -10.20 -28.77 -4.82
N SER A 20 -9.47 -27.95 -4.06
CA SER A 20 -10.07 -27.16 -3.03
C SER A 20 -9.12 -26.06 -2.60
N ILE A 21 -9.66 -25.08 -1.87
CA ILE A 21 -8.86 -24.05 -1.23
C ILE A 21 -7.76 -24.69 -0.37
N ASP A 22 -8.11 -25.69 0.43
CA ASP A 22 -7.10 -26.30 1.33
C ASP A 22 -6.03 -27.02 0.52
N ASP A 23 -6.34 -27.59 -0.64
CA ASP A 23 -5.29 -28.16 -1.51
C ASP A 23 -4.32 -27.07 -2.00
N VAL A 24 -4.82 -25.86 -2.31
CA VAL A 24 -3.93 -24.81 -2.74
C VAL A 24 -3.03 -24.39 -1.55
N VAL A 25 -3.61 -24.29 -0.35
CA VAL A 25 -2.83 -23.98 0.84
C VAL A 25 -1.77 -25.03 1.05
N ARG A 26 -2.08 -26.29 0.82
CA ARG A 26 -1.10 -27.36 0.93
C ARG A 26 0.09 -27.12 0.02
N LEU A 27 -0.19 -26.78 -1.24
CA LEU A 27 0.82 -26.51 -2.21
C LEU A 27 1.72 -25.37 -1.76
N PHE A 28 1.12 -24.29 -1.25
CA PHE A 28 1.93 -23.18 -0.75
C PHE A 28 2.79 -23.58 0.42
N ALA A 29 2.26 -24.38 1.30
CA ALA A 29 3.03 -24.87 2.44
C ALA A 29 4.22 -25.69 1.99
N ALA A 30 4.01 -26.54 0.98
CA ALA A 30 5.10 -27.36 0.49
C ALA A 30 6.17 -26.54 -0.16
N GLU A 31 5.80 -25.58 -1.02
CA GLU A 31 6.76 -24.72 -1.67
C GLU A 31 7.52 -23.88 -0.65
N LEU A 32 6.80 -23.33 0.33
CA LEU A 32 7.46 -22.51 1.33
C LEU A 32 8.44 -23.31 2.23
N GLY A 33 8.33 -24.65 2.25
CA GLY A 33 9.25 -25.53 2.98
C GLY A 33 10.42 -25.88 2.14
N ARG A 34 10.45 -25.48 0.87
CA ARG A 34 11.53 -25.83 -0.05
C ARG A 34 12.56 -24.73 -0.01
N GLU A 35 13.72 -25.11 -0.48
CA GLU A 35 14.87 -24.21 -0.57
C GLU A 35 14.47 -22.80 -1.07
N GLU A 36 13.84 -22.81 -2.24
CA GLU A 36 13.28 -21.63 -2.87
C GLU A 36 11.91 -21.98 -3.41
N PRO A 37 10.88 -21.34 -2.87
CA PRO A 37 9.55 -21.57 -3.39
C PRO A 37 9.46 -21.12 -4.85
N ASP A 38 8.70 -21.85 -5.67
CA ASP A 38 8.68 -21.60 -7.10
C ASP A 38 7.65 -20.58 -7.42
N LEU A 39 8.11 -19.31 -7.63
CA LEU A 39 7.24 -18.22 -7.91
C LEU A 39 6.35 -18.34 -9.09
N VAL A 40 6.90 -19.01 -10.11
CA VAL A 40 6.19 -19.14 -11.38
C VAL A 40 5.04 -20.14 -11.19
N LEU A 41 5.30 -21.26 -10.55
CA LEU A 41 4.25 -22.22 -10.24
C LEU A 41 3.16 -21.65 -9.40
N LEU A 42 3.52 -20.94 -8.35
CA LEU A 42 2.56 -20.39 -7.42
C LEU A 42 1.71 -19.32 -8.05
N SER A 43 2.32 -18.40 -8.79
CA SER A 43 1.53 -17.35 -9.42
C SER A 43 0.61 -17.91 -10.49
N LEU A 44 1.04 -18.94 -11.20
CA LEU A 44 0.17 -19.57 -12.21
C LEU A 44 -1.05 -20.20 -11.53
N VAL A 45 -0.85 -20.92 -10.42
CA VAL A 45 -1.97 -21.55 -9.71
C VAL A 45 -2.92 -20.48 -9.20
N LEU A 46 -2.40 -19.40 -8.56
CA LEU A 46 -3.31 -18.37 -8.05
C LEU A 46 -4.07 -17.68 -9.16
N GLY A 47 -3.42 -17.41 -10.27
CA GLY A 47 -4.08 -16.75 -11.37
C GLY A 47 -5.14 -17.63 -12.04
N PHE A 48 -4.84 -18.93 -12.13
CA PHE A 48 -5.78 -19.91 -12.59
C PHE A 48 -7.04 -19.92 -11.70
N VAL A 49 -6.85 -20.07 -10.40
CA VAL A 49 -8.02 -20.16 -9.53
C VAL A 49 -8.79 -18.82 -9.48
N GLU A 50 -8.08 -17.70 -9.51
CA GLU A 50 -8.72 -16.40 -9.54
C GLU A 50 -9.51 -16.19 -10.82
N HIS A 51 -9.01 -16.70 -11.93
CA HIS A 51 -9.72 -16.51 -13.17
C HIS A 51 -11.07 -17.25 -13.09
N PHE A 52 -11.04 -18.50 -12.63
CA PHE A 52 -12.29 -19.28 -12.57
C PHE A 52 -13.14 -19.10 -11.36
N LEU A 53 -12.73 -18.24 -10.44
CA LEU A 53 -13.56 -17.82 -9.30
C LEU A 53 -14.04 -16.41 -9.40
N ALA A 54 -13.36 -15.55 -10.13
CA ALA A 54 -13.69 -14.13 -10.19
C ALA A 54 -13.89 -13.61 -11.58
N VAL A 55 -13.24 -14.10 -12.61
CA VAL A 55 -13.38 -13.53 -13.96
C VAL A 55 -14.47 -14.25 -14.73
N ASN A 56 -14.52 -15.55 -14.63
CA ASN A 56 -15.49 -16.39 -15.31
C ASN A 56 -15.90 -17.61 -14.46
N ARG A 57 -17.02 -17.43 -13.74
CA ARG A 57 -17.56 -18.51 -12.88
C ARG A 57 -18.58 -19.42 -13.60
N VAL A 58 -18.65 -19.34 -14.93
CA VAL A 58 -19.54 -20.23 -15.69
C VAL A 58 -19.16 -21.69 -15.45
N GLY A 59 -20.11 -22.47 -14.95
CA GLY A 59 -19.90 -23.88 -14.73
C GLY A 59 -19.33 -24.22 -13.37
N LEU A 60 -19.07 -23.21 -12.55
CA LEU A 60 -18.52 -23.48 -11.23
C LEU A 60 -19.55 -24.21 -10.36
N THR A 61 -19.09 -25.25 -9.69
CA THR A 61 -19.92 -25.94 -8.72
C THR A 61 -19.32 -25.98 -7.31
N TYR A 62 -18.00 -25.85 -7.18
CA TYR A 62 -17.38 -25.77 -5.85
C TYR A 62 -16.04 -25.05 -5.93
N PHE A 63 -15.12 -25.63 -6.65
CA PHE A 63 -13.79 -25.13 -6.83
C PHE A 63 -13.28 -25.51 -8.21
N PRO A 64 -12.52 -24.59 -8.85
CA PRO A 64 -12.00 -24.92 -10.20
C PRO A 64 -10.77 -25.81 -10.03
N VAL A 65 -10.99 -27.07 -10.36
CA VAL A 65 -9.93 -28.07 -10.18
C VAL A 65 -8.74 -27.67 -11.03
N ALA A 66 -7.55 -27.70 -10.42
CA ALA A 66 -6.32 -27.36 -11.11
C ALA A 66 -5.56 -28.67 -11.39
N ASP A 67 -5.64 -29.10 -12.63
CA ASP A 67 -5.03 -30.38 -13.06
C ASP A 67 -3.59 -30.11 -13.40
N LEU A 68 -2.75 -31.08 -13.08
CA LEU A 68 -1.34 -30.96 -13.39
C LEU A 68 -1.09 -30.68 -14.86
N SER A 69 -1.82 -31.34 -15.76
CA SER A 69 -1.54 -31.13 -17.16
C SER A 69 -1.70 -29.69 -17.60
N ILE A 70 -2.75 -29.03 -17.07
CA ILE A 70 -3.11 -27.65 -17.38
C ILE A 70 -2.05 -26.69 -16.79
N ILE A 71 -1.71 -26.88 -15.52
CA ILE A 71 -0.71 -26.02 -14.90
C ILE A 71 0.68 -26.22 -15.46
N ALA A 72 1.04 -27.45 -15.71
CA ALA A 72 2.32 -27.71 -16.33
C ALA A 72 2.44 -27.16 -17.75
N ALA A 73 1.33 -27.11 -18.51
CA ALA A 73 1.42 -26.56 -19.86
C ALA A 73 1.58 -25.03 -19.78
N LEU A 74 0.91 -24.37 -18.83
CA LEU A 74 1.08 -22.93 -18.62
C LEU A 74 2.55 -22.64 -18.24
N TYR A 75 3.08 -23.44 -17.30
CA TYR A 75 4.43 -23.28 -16.80
C TYR A 75 5.43 -23.42 -17.91
N ALA A 76 5.20 -24.39 -18.79
CA ALA A 76 6.06 -24.61 -19.97
C ALA A 76 5.97 -23.47 -20.97
N ARG A 77 4.78 -22.88 -21.15
CA ARG A 77 4.65 -21.66 -21.94
C ARG A 77 5.56 -20.53 -21.42
N PHE A 78 5.54 -20.29 -20.12
CA PHE A 78 6.31 -19.21 -19.54
C PHE A 78 7.80 -19.49 -19.61
N THR A 79 8.19 -20.68 -19.21
CA THR A 79 9.63 -20.96 -19.19
C THR A 79 10.18 -21.02 -20.60
N ALA A 80 9.42 -21.52 -21.58
CA ALA A 80 9.88 -21.48 -22.97
C ALA A 80 10.08 -20.06 -23.53
N GLN A 81 9.15 -19.18 -23.18
CA GLN A 81 9.16 -17.77 -23.59
C GLN A 81 10.43 -17.09 -23.03
N ILE A 82 10.73 -17.32 -21.74
CA ILE A 82 11.89 -16.66 -21.08
C ILE A 82 13.21 -17.27 -21.55
N ARG A 83 13.30 -18.59 -21.55
CA ARG A 83 14.57 -19.27 -21.87
C ARG A 83 14.93 -19.07 -23.32
N GLY A 84 13.94 -19.01 -24.20
CA GLY A 84 14.21 -18.79 -25.61
C GLY A 84 14.68 -17.37 -25.90
N ALA A 85 14.23 -16.43 -25.09
CA ALA A 85 14.48 -15.02 -25.41
C ALA A 85 15.70 -14.44 -24.70
N VAL A 86 16.09 -15.06 -23.60
CA VAL A 86 17.20 -14.53 -22.77
C VAL A 86 18.33 -15.54 -22.81
N ASP A 87 19.39 -15.26 -23.59
CA ASP A 87 20.52 -16.13 -23.72
C ASP A 87 21.52 -15.68 -22.66
N LEU A 88 21.64 -16.47 -21.61
CA LEU A 88 22.51 -16.18 -20.50
C LEU A 88 23.97 -16.13 -20.84
N SER A 89 24.36 -16.79 -21.94
CA SER A 89 25.75 -16.80 -22.32
C SER A 89 26.20 -15.42 -22.73
N LEU A 90 25.27 -14.54 -23.12
CA LEU A 90 25.66 -13.19 -23.49
C LEU A 90 25.88 -12.25 -22.30
N TYR A 91 25.54 -12.73 -21.10
CA TYR A 91 25.58 -11.94 -19.85
C TYR A 91 26.33 -12.73 -18.75
N PRO A 92 27.63 -12.93 -18.92
CA PRO A 92 28.31 -13.78 -17.93
C PRO A 92 28.14 -13.27 -16.48
N ARG A 93 27.91 -14.19 -15.55
CA ARG A 93 27.76 -13.81 -14.14
C ARG A 93 29.02 -14.13 -13.35
N GLU A 94 29.64 -13.12 -12.74
CA GLU A 94 30.65 -13.40 -11.76
C GLU A 94 30.03 -13.28 -10.39
N GLY A 95 30.42 -14.20 -9.52
CA GLY A 95 30.13 -14.13 -8.11
C GLY A 95 28.76 -14.60 -7.72
N GLY A 96 28.09 -15.35 -8.62
CA GLY A 96 26.72 -15.77 -8.39
C GLY A 96 25.77 -14.60 -8.47
N VAL A 97 26.19 -13.49 -9.09
CA VAL A 97 25.29 -12.34 -9.20
C VAL A 97 25.14 -11.77 -10.61
N SER A 98 23.99 -11.13 -10.81
CA SER A 98 23.50 -10.71 -12.09
C SER A 98 23.99 -9.31 -12.41
N SER A 99 23.93 -8.95 -13.67
CA SER A 99 24.38 -7.69 -14.16
C SER A 99 23.15 -6.85 -14.53
N ARG A 100 23.37 -5.53 -14.52
CA ARG A 100 22.31 -4.61 -14.88
C ARG A 100 21.81 -4.90 -16.28
N GLU A 101 22.66 -5.26 -17.20
CA GLU A 101 22.26 -5.54 -18.57
C GLU A 101 21.32 -6.76 -18.66
N LEU A 102 21.59 -7.76 -17.84
CA LEU A 102 20.77 -8.98 -17.79
C LEU A 102 19.41 -8.66 -17.24
N VAL A 103 19.37 -7.85 -16.14
CA VAL A 103 18.09 -7.49 -15.57
C VAL A 103 17.27 -6.72 -16.59
N LYS A 104 17.92 -5.77 -17.28
CA LYS A 104 17.21 -4.96 -18.29
C LYS A 104 16.71 -5.81 -19.44
N LYS A 105 17.46 -6.82 -19.81
CA LYS A 105 17.01 -7.73 -20.88
C LYS A 105 15.75 -8.48 -20.44
N VAL A 106 15.74 -8.98 -19.23
CA VAL A 106 14.55 -9.70 -18.76
C VAL A 106 13.35 -8.78 -18.70
N SER A 107 13.51 -7.57 -18.16
CA SER A 107 12.48 -6.58 -18.18
C SER A 107 11.98 -6.35 -19.60
N ASP A 108 12.85 -6.14 -20.57
CA ASP A 108 12.46 -5.93 -21.95
C ASP A 108 11.63 -7.10 -22.51
N VAL A 109 12.01 -8.35 -22.17
CA VAL A 109 11.33 -9.50 -22.66
C VAL A 109 9.90 -9.51 -22.13
N ILE A 110 9.71 -9.19 -20.86
CA ILE A 110 8.35 -9.18 -20.30
C ILE A 110 7.57 -8.01 -20.95
N TRP A 111 8.16 -6.80 -20.93
CA TRP A 111 7.49 -5.61 -21.50
C TRP A 111 7.06 -5.83 -22.92
N ASN A 112 7.96 -6.32 -23.75
CA ASN A 112 7.70 -6.43 -25.19
C ASN A 112 6.65 -7.52 -25.49
N SER A 113 6.37 -8.39 -24.55
CA SER A 113 5.35 -9.44 -24.69
C SER A 113 3.94 -8.93 -24.49
N LEU A 114 3.79 -7.76 -23.87
CA LEU A 114 2.46 -7.27 -23.50
C LEU A 114 1.69 -6.73 -24.69
N SER A 115 0.38 -6.92 -24.63
CA SER A 115 -0.54 -6.31 -25.60
C SER A 115 -0.27 -4.79 -25.69
N ARG A 116 -0.39 -4.29 -26.92
CA ARG A 116 0.02 -2.94 -27.30
C ARG A 116 -0.86 -1.86 -26.64
N SER A 117 -2.13 -2.19 -26.46
CA SER A 117 -3.11 -1.26 -25.92
C SER A 117 -4.07 -2.06 -25.03
N TYR A 118 -4.12 -1.69 -23.76
CA TYR A 118 -5.12 -2.21 -22.81
C TYR A 118 -5.22 -1.33 -21.60
N PHE A 119 -6.30 -1.52 -20.83
CA PHE A 119 -6.54 -0.74 -19.60
C PHE A 119 -5.70 -1.31 -18.48
N LYS A 120 -4.71 -0.54 -18.04
CA LYS A 120 -3.65 -1.00 -17.12
C LYS A 120 -4.05 -1.19 -15.67
N ASP A 121 -5.19 -0.64 -15.26
CA ASP A 121 -5.66 -0.74 -13.88
C ASP A 121 -6.92 -1.64 -13.82
N ARG A 122 -7.04 -2.54 -14.78
CA ARG A 122 -8.06 -3.57 -14.67
C ARG A 122 -7.63 -4.48 -13.46
N ALA A 123 -8.64 -5.15 -12.94
CA ALA A 123 -8.51 -6.16 -11.97
C ALA A 123 -8.12 -7.41 -12.78
N HIS A 124 -7.44 -8.28 -12.05
CA HIS A 124 -7.15 -9.63 -12.47
C HIS A 124 -6.06 -9.71 -13.53
N ILE A 125 -5.19 -8.72 -13.61
CA ILE A 125 -4.06 -8.76 -14.56
C ILE A 125 -2.78 -8.68 -13.78
N GLN A 126 -2.72 -9.30 -12.60
CA GLN A 126 -1.54 -9.22 -11.76
C GLN A 126 -0.65 -10.42 -11.85
N SER A 127 -1.14 -11.56 -12.33
CA SER A 127 -0.46 -12.86 -12.20
C SER A 127 0.17 -13.32 -13.48
N LEU A 128 1.01 -14.33 -13.38
CA LEU A 128 1.51 -14.94 -14.59
C LEU A 128 0.47 -15.64 -15.45
N PHE A 129 -0.66 -15.99 -14.85
CA PHE A 129 -1.80 -16.49 -15.64
C PHE A 129 -2.25 -15.47 -16.62
N SER A 130 -2.38 -14.20 -16.18
CA SER A 130 -2.79 -13.14 -17.08
C SER A 130 -1.73 -12.86 -18.12
N PHE A 131 -0.49 -12.88 -17.73
CA PHE A 131 0.61 -12.71 -18.67
C PHE A 131 0.56 -13.68 -19.79
N ILE A 132 0.40 -14.98 -19.48
CA ILE A 132 0.44 -16.02 -20.49
C ILE A 132 -0.85 -16.03 -21.31
N THR A 133 -2.00 -15.98 -20.65
CA THR A 133 -3.28 -16.12 -21.38
C THR A 133 -3.80 -14.89 -22.04
N GLY A 134 -3.47 -13.71 -21.50
CA GLY A 134 -4.04 -12.46 -21.96
C GLY A 134 -3.00 -11.46 -22.43
N THR A 135 -1.72 -11.84 -22.31
CA THR A 135 -0.60 -10.93 -22.52
C THR A 135 -0.91 -9.54 -21.92
N LYS A 136 -1.29 -9.53 -20.65
CA LYS A 136 -1.60 -8.31 -19.92
C LYS A 136 -1.07 -8.43 -18.51
N LEU A 137 -0.43 -7.36 -18.05
CA LEU A 137 -0.02 -7.22 -16.65
C LEU A 137 -0.17 -5.77 -16.22
N ASP A 138 -0.50 -5.63 -14.94
CA ASP A 138 -0.44 -4.33 -14.31
C ASP A 138 0.97 -3.97 -13.92
N SER A 139 1.16 -2.73 -13.42
CA SER A 139 2.53 -2.27 -13.21
C SER A 139 3.39 -3.17 -12.32
N SER A 140 2.90 -3.37 -11.09
CA SER A 140 3.67 -4.21 -10.18
C SER A 140 3.75 -5.67 -10.67
N GLY A 141 2.73 -6.08 -11.44
CA GLY A 141 2.74 -7.39 -12.07
C GLY A 141 3.94 -7.57 -12.96
N VAL A 142 4.30 -6.55 -13.70
CA VAL A 142 5.52 -6.65 -14.51
C VAL A 142 6.75 -6.89 -13.66
N ALA A 143 6.86 -6.15 -12.53
CA ALA A 143 8.03 -6.34 -11.66
C ALA A 143 8.08 -7.77 -11.12
N PHE A 144 6.92 -8.24 -10.67
CA PHE A 144 6.86 -9.60 -10.17
C PHE A 144 7.25 -10.60 -11.24
N ALA A 145 6.75 -10.40 -12.45
CA ALA A 145 7.08 -11.33 -13.54
C ALA A 145 8.60 -11.32 -13.88
N VAL A 146 9.20 -10.15 -13.84
CA VAL A 146 10.68 -10.10 -13.98
C VAL A 146 11.34 -10.95 -12.93
N VAL A 147 10.94 -10.80 -11.68
CA VAL A 147 11.53 -11.62 -10.63
C VAL A 147 11.28 -13.11 -10.86
N GLY A 148 10.04 -13.47 -11.20
CA GLY A 148 9.81 -14.87 -11.50
C GLY A 148 10.63 -15.40 -12.65
N ALA A 149 10.75 -14.62 -13.71
CA ALA A 149 11.60 -14.98 -14.85
C ALA A 149 13.04 -15.16 -14.49
N CYS A 150 13.55 -14.23 -13.65
CA CYS A 150 14.92 -14.38 -13.18
C CYS A 150 15.10 -15.62 -12.32
N GLN A 151 14.11 -15.93 -11.47
CA GLN A 151 14.24 -17.20 -10.75
C GLN A 151 14.25 -18.41 -11.67
N ALA A 152 13.47 -18.38 -12.72
CA ALA A 152 13.37 -19.49 -13.67
C ALA A 152 14.69 -19.59 -14.37
N LEU A 153 15.42 -18.53 -14.56
CA LEU A 153 16.77 -18.50 -15.21
C LEU A 153 17.87 -18.86 -14.27
N GLY A 154 17.57 -19.04 -12.98
CA GLY A 154 18.57 -19.38 -11.98
C GLY A 154 19.32 -18.20 -11.36
N LEU A 155 18.74 -17.00 -11.46
CA LEU A 155 19.32 -15.77 -10.96
C LEU A 155 18.85 -15.48 -9.53
N ARG A 156 19.51 -16.15 -8.58
CA ARG A 156 19.08 -16.19 -7.20
C ARG A 156 19.13 -14.82 -6.50
N ASP A 157 19.93 -13.88 -7.04
CA ASP A 157 20.12 -12.58 -6.46
C ASP A 157 19.08 -11.54 -6.84
N VAL A 158 18.21 -11.78 -7.81
CA VAL A 158 17.23 -10.80 -8.23
C VAL A 158 15.97 -10.92 -7.39
N HIS A 159 15.62 -9.85 -6.68
CA HIS A 159 14.51 -9.83 -5.80
C HIS A 159 13.64 -8.61 -6.00
N LEU A 160 12.41 -8.72 -5.55
CA LEU A 160 11.38 -7.66 -5.66
C LEU A 160 11.60 -6.63 -4.58
N ALA A 161 11.56 -5.37 -4.99
CA ALA A 161 11.59 -4.26 -4.08
C ALA A 161 10.23 -3.57 -4.19
N LEU A 162 9.70 -3.12 -3.04
CA LEU A 162 8.31 -2.56 -2.97
C LEU A 162 8.31 -1.29 -2.11
N SER A 163 7.80 -0.21 -2.63
CA SER A 163 7.40 0.90 -1.76
C SER A 163 5.89 0.86 -1.72
N GLU A 164 5.31 1.85 -1.07
CA GLU A 164 3.87 1.82 -0.87
C GLU A 164 3.06 2.11 -2.15
N ASP A 165 3.74 2.43 -3.22
CA ASP A 165 3.08 2.75 -4.49
C ASP A 165 3.83 2.30 -5.76
N HIS A 166 4.91 1.52 -5.61
CA HIS A 166 5.67 1.15 -6.79
C HIS A 166 6.48 -0.08 -6.45
N ALA A 167 7.00 -0.76 -7.48
CA ALA A 167 7.80 -1.98 -7.43
C ALA A 167 8.98 -1.88 -8.40
N TRP A 168 10.10 -2.44 -8.02
CA TRP A 168 11.32 -2.52 -8.84
C TRP A 168 12.07 -3.78 -8.38
N VAL A 169 13.33 -3.92 -8.78
CA VAL A 169 14.17 -5.03 -8.33
C VAL A 169 15.43 -4.56 -7.69
N VAL A 170 15.93 -5.41 -6.80
CA VAL A 170 17.28 -5.38 -6.33
C VAL A 170 18.00 -6.60 -6.81
N PHE A 171 19.34 -6.44 -6.91
CA PHE A 171 20.21 -7.50 -7.45
C PHE A 171 21.65 -7.20 -7.18
N GLY A 172 22.52 -8.07 -7.60
CA GLY A 172 23.92 -7.75 -7.78
C GLY A 172 24.73 -8.06 -6.53
N PRO A 173 25.95 -7.51 -6.46
CA PRO A 173 26.79 -7.75 -5.29
C PRO A 173 26.11 -7.30 -4.03
N ASN A 174 26.00 -8.22 -3.05
CA ASN A 174 25.32 -7.98 -1.75
C ASN A 174 23.86 -7.55 -1.88
N GLY A 175 23.28 -7.76 -3.05
CA GLY A 175 21.95 -7.30 -3.32
C GLY A 175 21.78 -5.79 -3.26
N GLU A 176 22.85 -5.08 -3.57
CA GLU A 176 22.90 -3.65 -3.35
C GLU A 176 22.44 -2.77 -4.51
N GLN A 177 22.38 -3.32 -5.72
CA GLN A 177 21.88 -2.58 -6.86
C GLN A 177 20.38 -2.53 -6.92
N THR A 178 19.90 -1.44 -7.46
CA THR A 178 18.50 -1.28 -7.78
C THR A 178 18.31 -1.07 -9.30
N ALA A 179 17.22 -1.58 -9.83
CA ALA A 179 16.83 -1.30 -11.20
C ALA A 179 15.33 -1.16 -11.32
N GLU A 180 14.93 -0.13 -12.01
CA GLU A 180 13.55 0.01 -12.51
C GLU A 180 13.34 -1.07 -13.52
N VAL A 181 12.17 -1.70 -13.47
CA VAL A 181 11.76 -2.71 -14.46
C VAL A 181 10.37 -2.49 -15.03
N THR A 182 9.54 -1.74 -14.40
CA THR A 182 8.23 -1.38 -14.90
C THR A 182 7.92 0.09 -14.90
N TRP A 183 6.70 0.47 -15.26
CA TRP A 183 6.30 1.85 -15.33
C TRP A 183 5.69 2.22 -13.96
N HIS A 184 5.53 3.54 -13.73
CA HIS A 184 4.82 4.05 -12.59
C HIS A 184 3.82 5.10 -13.03
N GLY A 185 2.60 4.89 -12.62
CA GLY A 185 1.56 5.83 -12.81
C GLY A 185 1.18 5.89 -14.25
N LYS A 186 0.69 7.05 -14.65
CA LYS A 186 0.36 7.33 -16.04
C LYS A 186 0.92 8.70 -16.38
N GLY A 187 1.48 8.81 -17.58
CA GLY A 187 2.04 10.07 -18.04
C GLY A 187 3.35 10.43 -17.42
N ASN A 188 3.97 9.47 -16.70
CA ASN A 188 5.35 9.61 -16.24
C ASN A 188 6.22 8.84 -17.22
N GLU A 189 7.37 9.40 -17.60
CA GLU A 189 8.25 8.69 -18.52
C GLU A 189 9.05 7.62 -17.76
N ASP A 190 9.06 6.48 -18.44
CA ASP A 190 9.73 5.22 -18.12
C ASP A 190 11.18 5.51 -17.69
N ARG A 191 11.65 4.80 -16.66
CA ARG A 191 13.08 4.91 -16.26
C ARG A 191 13.64 3.51 -16.15
N ARG A 192 13.09 2.58 -16.93
CA ARG A 192 13.51 1.17 -16.87
C ARG A 192 15.00 0.99 -17.14
N GLY A 193 15.68 0.29 -16.23
CA GLY A 193 17.10 0.11 -16.27
C GLY A 193 17.84 0.96 -15.30
N GLN A 194 17.31 2.08 -14.86
CA GLN A 194 17.99 3.01 -13.96
C GLN A 194 17.87 2.58 -12.52
N THR A 195 18.69 3.18 -11.67
CA THR A 195 18.57 3.02 -10.23
C THR A 195 17.38 3.83 -9.73
N VAL A 196 17.11 3.68 -8.45
CA VAL A 196 16.18 4.47 -7.71
C VAL A 196 16.79 5.59 -6.89
N ASN A 197 18.11 5.79 -7.06
CA ASN A 197 18.83 6.74 -6.21
C ASN A 197 18.41 8.17 -6.25
N ALA A 198 18.01 8.70 -7.40
CA ALA A 198 17.54 10.08 -7.50
C ALA A 198 16.27 10.22 -6.68
N GLY A 199 15.38 9.22 -6.71
CA GLY A 199 14.14 9.28 -5.96
C GLY A 199 14.34 9.16 -4.48
N VAL A 200 15.27 8.29 -4.07
CA VAL A 200 15.63 8.19 -2.67
C VAL A 200 16.20 9.57 -2.22
N ALA A 201 17.20 10.09 -2.94
CA ALA A 201 17.81 11.35 -2.57
C ALA A 201 16.85 12.49 -2.47
N GLU A 202 15.80 12.52 -3.26
CA GLU A 202 14.88 13.66 -3.21
C GLU A 202 13.87 13.56 -2.10
N ARG A 203 13.89 12.46 -1.35
CA ARG A 203 13.05 12.27 -0.20
C ARG A 203 11.55 12.32 -0.58
N SER A 204 11.24 11.77 -1.76
CA SER A 204 9.82 11.50 -2.13
C SER A 204 9.23 10.36 -1.30
N TRP A 205 7.92 10.39 -1.15
CA TRP A 205 7.20 9.29 -0.59
C TRP A 205 7.34 8.06 -1.47
N LEU A 206 7.38 8.19 -2.80
CA LEU A 206 7.41 7.03 -3.66
C LEU A 206 8.55 6.08 -3.33
N TYR A 207 9.71 6.61 -2.98
CA TYR A 207 10.88 5.76 -2.67
C TYR A 207 11.18 5.63 -1.18
N LEU A 208 10.32 6.20 -0.33
CA LEU A 208 10.33 5.99 1.13
C LEU A 208 11.67 6.31 1.80
N LYS A 209 12.40 7.31 1.24
CA LYS A 209 13.69 7.72 1.74
C LYS A 209 14.64 6.51 1.86
N GLY A 210 14.42 5.48 1.05
CA GLY A 210 15.21 4.24 1.07
C GLY A 210 14.69 3.17 1.99
N SER A 211 13.66 3.45 2.76
CA SER A 211 13.06 2.53 3.68
C SER A 211 11.93 1.69 3.05
N TYR A 212 12.23 1.22 1.84
CA TYR A 212 11.41 0.29 1.11
C TYR A 212 11.71 -1.18 1.44
N MET A 213 10.84 -2.05 1.00
CA MET A 213 10.96 -3.49 1.22
C MET A 213 11.93 -4.04 0.21
N ARG A 214 12.88 -4.84 0.73
CA ARG A 214 13.76 -5.71 -0.11
C ARG A 214 13.32 -7.12 0.20
N CYS A 215 12.58 -7.72 -0.70
CA CYS A 215 12.00 -9.01 -0.41
C CYS A 215 13.00 -10.16 -0.52
N ASP A 216 12.84 -11.16 0.30
CA ASP A 216 13.37 -12.46 -0.03
C ASP A 216 12.34 -13.27 -0.75
N ARG A 217 12.66 -14.52 -1.07
CA ARG A 217 11.76 -15.38 -1.82
C ARG A 217 10.40 -15.56 -1.14
N LYS A 218 10.41 -15.66 0.18
CA LYS A 218 9.19 -15.90 0.97
C LYS A 218 8.29 -14.67 0.95
N MET A 219 8.93 -13.49 1.04
CA MET A 219 8.22 -12.25 0.95
C MET A 219 7.62 -12.02 -0.43
N GLU A 220 8.26 -12.57 -1.47
CA GLU A 220 7.71 -12.51 -2.82
C GLU A 220 6.47 -13.40 -2.92
N VAL A 221 6.46 -14.52 -2.18
CA VAL A 221 5.25 -15.27 -2.05
C VAL A 221 4.15 -14.48 -1.37
N ALA A 222 4.49 -13.76 -0.30
CA ALA A 222 3.55 -12.98 0.38
C ALA A 222 2.98 -11.90 -0.52
N PHE A 223 3.80 -11.26 -1.35
CA PHE A 223 3.32 -10.25 -2.29
C PHE A 223 2.26 -10.84 -3.26
N MET A 224 2.53 -12.02 -3.82
CA MET A 224 1.53 -12.60 -4.78
C MET A 224 0.20 -12.96 -4.08
N VAL A 225 0.28 -13.29 -2.80
CA VAL A 225 -0.92 -13.55 -1.99
C VAL A 225 -1.68 -12.25 -1.69
N CYS A 226 -0.98 -11.19 -1.31
CA CYS A 226 -1.64 -9.90 -1.20
C CYS A 226 -2.25 -9.41 -2.51
N ALA A 227 -1.61 -9.82 -3.62
CA ALA A 227 -2.08 -9.41 -4.94
C ALA A 227 -3.34 -10.15 -5.41
N ILE A 228 -3.73 -11.26 -4.77
CA ILE A 228 -5.06 -11.85 -5.03
C ILE A 228 -6.13 -10.80 -4.98
N ASN A 229 -6.98 -10.81 -5.98
CA ASN A 229 -8.12 -9.91 -6.05
C ASN A 229 -9.43 -10.64 -6.08
N PRO A 230 -10.08 -10.74 -4.93
CA PRO A 230 -11.38 -11.45 -4.82
C PRO A 230 -12.54 -10.79 -5.53
N SER A 231 -12.38 -9.59 -6.10
CA SER A 231 -13.53 -8.86 -6.67
C SER A 231 -14.07 -9.48 -7.90
N ILE A 232 -15.37 -9.69 -7.89
CA ILE A 232 -16.08 -10.23 -9.06
C ILE A 232 -16.61 -9.02 -9.84
N ASP A 233 -17.19 -8.09 -9.08
CA ASP A 233 -17.65 -6.81 -9.63
C ASP A 233 -17.67 -5.76 -8.51
N LEU A 234 -18.25 -4.59 -8.81
CA LEU A 234 -18.27 -3.48 -7.84
C LEU A 234 -18.96 -3.88 -6.54
N HIS A 235 -19.94 -4.79 -6.66
CA HIS A 235 -20.84 -5.12 -5.54
C HIS A 235 -20.52 -6.46 -4.89
N THR A 236 -19.62 -7.26 -5.48
CA THR A 236 -19.53 -8.66 -5.13
C THR A 236 -18.09 -9.15 -5.09
N ASP A 237 -17.69 -9.78 -3.97
CA ASP A 237 -16.41 -10.46 -3.84
C ASP A 237 -16.65 -11.96 -3.83
N SER A 238 -15.68 -12.70 -4.37
CA SER A 238 -15.64 -14.16 -4.25
C SER A 238 -15.32 -14.54 -2.79
N LEU A 239 -16.27 -15.21 -2.14
CA LEU A 239 -15.96 -15.79 -0.82
C LEU A 239 -14.80 -16.77 -0.83
N GLU A 240 -14.73 -17.54 -1.91
CA GLU A 240 -13.71 -18.58 -2.07
C GLU A 240 -12.36 -17.93 -2.12
N LEU A 241 -12.21 -16.82 -2.83
CA LEU A 241 -10.89 -16.18 -2.94
C LEU A 241 -10.60 -15.41 -1.66
N LEU A 242 -11.59 -14.89 -0.96
CA LEU A 242 -11.34 -14.21 0.32
C LEU A 242 -10.80 -15.23 1.30
N GLN A 243 -11.42 -16.40 1.34
CA GLN A 243 -10.98 -17.46 2.24
C GLN A 243 -9.57 -17.94 1.88
N LEU A 244 -9.31 -18.16 0.61
CA LEU A 244 -8.00 -18.59 0.17
C LEU A 244 -6.93 -17.57 0.61
N GLN A 245 -7.16 -16.32 0.29
CA GLN A 245 -6.20 -15.25 0.61
C GLN A 245 -5.91 -15.19 2.10
N GLN A 246 -6.96 -15.30 2.89
CA GLN A 246 -6.92 -15.25 4.35
C GLN A 246 -6.11 -16.44 4.88
N LYS A 247 -6.43 -17.66 4.42
CA LYS A 247 -5.67 -18.82 4.84
C LYS A 247 -4.19 -18.77 4.46
N LEU A 248 -3.92 -18.27 3.28
CA LEU A 248 -2.54 -18.14 2.81
C LEU A 248 -1.78 -17.11 3.61
N LEU A 249 -2.38 -15.99 3.94
CA LEU A 249 -1.76 -15.01 4.78
C LEU A 249 -1.52 -15.53 6.19
N TRP A 250 -2.45 -16.34 6.73
CA TRP A 250 -2.17 -16.97 8.03
C TRP A 250 -1.00 -17.96 7.93
N LEU A 251 -0.90 -18.74 6.84
CA LEU A 251 0.25 -19.62 6.72
C LEU A 251 1.54 -18.88 6.70
N LEU A 252 1.62 -17.81 5.93
CA LEU A 252 2.79 -16.93 5.87
C LEU A 252 3.05 -16.29 7.25
N TYR A 253 2.04 -15.86 7.97
CA TYR A 253 2.18 -15.27 9.29
C TYR A 253 2.84 -16.25 10.25
N ASP A 254 2.33 -17.51 10.23
CA ASP A 254 2.78 -18.53 11.18
C ASP A 254 4.22 -18.89 10.90
N LEU A 255 4.65 -18.85 9.63
CA LEU A 255 6.04 -19.15 9.25
C LEU A 255 7.02 -18.04 9.43
N GLY A 256 6.54 -16.85 9.83
CA GLY A 256 7.40 -15.72 10.03
C GLY A 256 7.59 -14.78 8.89
N HIS A 257 6.92 -15.02 7.76
CA HIS A 257 7.16 -14.29 6.52
C HIS A 257 6.42 -13.00 6.36
N LEU A 258 5.59 -12.66 7.35
CA LEU A 258 4.95 -11.31 7.35
C LEU A 258 5.68 -10.37 8.32
N GLU A 259 6.76 -10.84 8.98
CA GLU A 259 7.40 -10.05 10.04
C GLU A 259 7.83 -8.68 9.53
N ARG A 260 8.36 -8.62 8.30
CA ARG A 260 8.86 -7.39 7.67
C ARG A 260 7.91 -6.93 6.58
N TYR A 261 6.60 -7.17 6.73
CA TYR A 261 5.68 -6.84 5.65
C TYR A 261 4.43 -6.14 6.22
N PRO A 262 4.55 -4.85 6.55
CA PRO A 262 3.45 -4.12 7.13
C PRO A 262 2.18 -4.19 6.36
N MET A 263 2.22 -4.02 5.04
N MET A 263 2.17 -4.00 5.05
CA MET A 263 1.00 -3.94 4.27
CA MET A 263 0.89 -3.94 4.39
C MET A 263 0.20 -5.26 4.24
C MET A 263 0.17 -5.28 4.40
N ALA A 264 0.93 -6.38 4.33
CA ALA A 264 0.34 -7.69 4.41
C ALA A 264 -0.43 -7.87 5.70
N LEU A 265 0.15 -7.35 6.79
CA LEU A 265 -0.48 -7.42 8.08
C LEU A 265 -1.81 -6.64 8.09
N GLY A 266 -1.80 -5.47 7.45
CA GLY A 266 -2.98 -4.64 7.30
C GLY A 266 -4.03 -5.35 6.47
N ASN A 267 -3.61 -5.97 5.36
CA ASN A 267 -4.55 -6.79 4.54
C ASN A 267 -5.18 -7.90 5.35
N LEU A 268 -4.38 -8.59 6.15
CA LEU A 268 -4.91 -9.71 6.92
C LEU A 268 -5.89 -9.23 8.00
N ALA A 269 -5.56 -8.10 8.63
CA ALA A 269 -6.45 -7.48 9.61
C ALA A 269 -7.81 -7.17 8.95
N ASP A 270 -7.78 -6.57 7.74
CA ASP A 270 -9.00 -6.24 7.04
C ASP A 270 -9.81 -7.53 6.78
N LEU A 271 -9.17 -8.58 6.40
CA LEU A 271 -9.86 -9.83 6.15
C LEU A 271 -10.50 -10.41 7.41
N GLU A 272 -9.78 -10.30 8.53
CA GLU A 272 -10.25 -10.72 9.81
C GLU A 272 -11.44 -9.91 10.29
N GLU A 273 -11.45 -8.64 9.99
CA GLU A 273 -12.64 -7.82 10.33
C GLU A 273 -13.87 -8.33 9.58
N LEU A 274 -13.68 -8.65 8.31
CA LEU A 274 -14.75 -9.11 7.46
C LEU A 274 -15.29 -10.47 7.95
N GLU A 275 -14.37 -11.36 8.28
CA GLU A 275 -14.74 -12.71 8.69
C GLU A 275 -13.70 -13.27 9.64
N PRO A 276 -13.91 -13.15 10.95
CA PRO A 276 -12.84 -13.56 11.87
C PRO A 276 -12.60 -15.03 11.97
N THR A 277 -11.32 -15.39 12.06
CA THR A 277 -10.92 -16.76 12.19
C THR A 277 -10.85 -17.07 13.71
N PRO A 278 -11.60 -18.08 14.19
CA PRO A 278 -11.56 -18.35 15.63
C PRO A 278 -10.15 -18.66 16.13
N GLY A 279 -9.81 -18.15 17.29
CA GLY A 279 -8.50 -18.41 17.89
C GLY A 279 -7.39 -17.48 17.43
N ARG A 280 -7.66 -16.60 16.45
CA ARG A 280 -6.64 -15.72 15.90
C ARG A 280 -6.69 -14.33 16.56
N PRO A 281 -5.60 -13.56 16.50
CA PRO A 281 -5.58 -12.17 16.95
C PRO A 281 -6.67 -11.31 16.33
N ASP A 282 -7.16 -10.36 17.09
CA ASP A 282 -8.20 -9.41 16.59
C ASP A 282 -7.61 -8.51 15.51
N PRO A 283 -8.43 -7.93 14.66
CA PRO A 283 -7.95 -6.96 13.71
C PRO A 283 -7.07 -5.87 14.33
N LEU A 284 -7.47 -5.31 15.45
CA LEU A 284 -6.68 -4.24 16.05
C LEU A 284 -5.29 -4.70 16.39
N THR A 285 -5.17 -5.88 16.97
CA THR A 285 -3.86 -6.44 17.22
C THR A 285 -2.99 -6.54 15.95
N LEU A 286 -3.58 -6.97 14.86
CA LEU A 286 -2.89 -7.06 13.60
C LEU A 286 -2.52 -5.69 12.99
N TYR A 287 -3.41 -4.71 13.04
CA TYR A 287 -3.00 -3.40 12.57
C TYR A 287 -1.83 -2.87 13.39
N HIS A 288 -1.85 -3.12 14.70
CA HIS A 288 -0.74 -2.66 15.52
C HIS A 288 0.54 -3.44 15.29
N LYS A 289 0.43 -4.71 14.88
CA LYS A 289 1.60 -5.45 14.42
C LYS A 289 2.19 -4.89 13.12
N GLY A 290 1.34 -4.40 12.26
CA GLY A 290 1.81 -3.78 11.05
C GLY A 290 2.55 -2.51 11.30
N ILE A 291 2.03 -1.68 12.24
CA ILE A 291 2.73 -0.47 12.63
C ILE A 291 4.07 -0.84 13.33
N ALA A 292 4.04 -1.83 14.22
CA ALA A 292 5.28 -2.27 14.90
C ALA A 292 6.30 -2.72 13.85
N SER A 293 5.89 -3.46 12.84
CA SER A 293 6.82 -3.89 11.76
C SER A 293 7.41 -2.67 11.06
N ALA A 294 6.61 -1.67 10.75
CA ALA A 294 7.12 -0.50 10.07
C ALA A 294 8.15 0.29 10.98
N LYS A 295 7.85 0.39 12.27
CA LYS A 295 8.74 1.00 13.21
C LYS A 295 10.05 0.27 13.35
N THR A 296 9.98 -1.06 13.37
CA THR A 296 11.17 -1.90 13.61
C THR A 296 12.06 -2.00 12.42
N TYR A 297 11.47 -2.21 11.26
CA TYR A 297 12.21 -2.51 10.05
C TYR A 297 12.38 -1.40 9.01
N TYR A 298 11.49 -0.38 9.08
CA TYR A 298 11.47 0.64 8.09
C TYR A 298 11.47 2.06 8.66
N ARG A 299 12.04 2.25 9.86
CA ARG A 299 12.29 3.56 10.47
C ARG A 299 11.02 4.32 10.67
N ASP A 300 9.89 3.63 10.72
CA ASP A 300 8.60 4.30 10.90
C ASP A 300 8.38 5.36 9.81
N GLU A 301 8.69 4.99 8.58
N GLU A 301 8.70 4.95 8.59
CA GLU A 301 8.54 5.90 7.45
CA GLU A 301 8.63 5.80 7.40
C GLU A 301 7.49 5.45 6.42
C GLU A 301 7.44 5.53 6.48
N HIS A 302 6.63 4.54 6.86
CA HIS A 302 5.45 4.11 6.04
C HIS A 302 4.17 4.74 6.49
N ILE A 303 3.35 5.12 5.55
CA ILE A 303 2.05 5.78 5.84
C ILE A 303 0.91 4.82 6.01
N TYR A 304 0.83 3.79 5.16
CA TYR A 304 -0.31 2.93 5.20
C TYR A 304 -0.50 2.14 6.52
N PRO A 305 0.50 1.86 7.33
CA PRO A 305 0.16 1.14 8.57
C PRO A 305 -0.85 1.91 9.42
N TYR A 306 -0.71 3.21 9.43
CA TYR A 306 -1.58 4.06 10.20
C TYR A 306 -2.86 4.29 9.45
N MET A 307 -2.84 4.42 8.13
CA MET A 307 -4.08 4.52 7.36
C MET A 307 -4.97 3.29 7.57
N TYR A 308 -4.40 2.09 7.47
CA TYR A 308 -5.18 0.86 7.71
C TYR A 308 -5.90 0.95 9.07
N LEU A 309 -5.14 1.29 10.11
CA LEU A 309 -5.69 1.42 11.43
C LEU A 309 -6.84 2.48 11.45
N ALA A 310 -6.56 3.65 10.90
CA ALA A 310 -7.57 4.67 10.85
C ALA A 310 -8.83 4.23 10.16
N GLY A 311 -8.68 3.51 9.04
CA GLY A 311 -9.87 3.02 8.29
C GLY A 311 -10.73 2.12 9.12
N TYR A 312 -10.09 1.28 9.89
CA TYR A 312 -10.84 0.35 10.77
C TYR A 312 -11.57 1.15 11.85
N HIS A 313 -10.93 2.12 12.49
CA HIS A 313 -11.63 2.94 13.48
C HIS A 313 -12.75 3.75 12.88
N CYS A 314 -12.52 4.25 11.68
CA CYS A 314 -13.55 5.05 10.97
C CYS A 314 -14.79 4.16 10.67
N ARG A 315 -14.56 2.94 10.17
CA ARG A 315 -15.71 2.02 9.87
C ARG A 315 -16.52 1.70 11.14
N ASN A 316 -15.82 1.63 12.27
CA ASN A 316 -16.40 1.28 13.54
C ASN A 316 -16.82 2.52 14.32
N ARG A 317 -16.75 3.68 13.66
CA ARG A 317 -17.16 5.01 14.23
C ARG A 317 -16.50 5.25 15.56
N ASN A 318 -15.24 4.82 15.71
CA ASN A 318 -14.35 5.17 16.81
C ASN A 318 -13.67 6.50 16.37
N VAL A 319 -14.33 7.64 16.52
CA VAL A 319 -13.85 8.93 15.97
C VAL A 319 -12.52 9.30 16.60
N ARG A 320 -12.42 9.19 17.92
CA ARG A 320 -11.22 9.49 18.58
C ARG A 320 -9.99 8.78 18.05
N GLU A 321 -10.13 7.46 17.98
CA GLU A 321 -9.05 6.63 17.56
C GLU A 321 -8.71 6.75 16.07
N ALA A 322 -9.72 7.06 15.27
CA ALA A 322 -9.54 7.34 13.87
C ALA A 322 -8.75 8.64 13.67
N LEU A 323 -9.13 9.71 14.40
CA LEU A 323 -8.42 10.94 14.30
C LEU A 323 -6.97 10.76 14.80
N GLN A 324 -6.78 9.99 15.87
CA GLN A 324 -5.42 9.80 16.36
C GLN A 324 -4.57 9.12 15.28
N ALA A 325 -5.09 8.07 14.66
CA ALA A 325 -4.37 7.37 13.62
C ALA A 325 -4.08 8.19 12.37
N TRP A 326 -5.04 9.02 11.99
CA TRP A 326 -4.77 9.98 10.92
C TRP A 326 -3.75 11.04 11.28
N ALA A 327 -3.77 11.50 12.52
CA ALA A 327 -2.68 12.41 12.99
C ALA A 327 -1.33 11.70 12.91
N ASP A 328 -1.30 10.39 13.23
CA ASP A 328 -0.03 9.65 13.13
C ASP A 328 0.39 9.49 11.66
N THR A 329 -0.53 9.36 10.72
CA THR A 329 -0.17 9.31 9.30
C THR A 329 0.52 10.63 8.88
N ALA A 330 -0.05 11.73 9.33
CA ALA A 330 0.53 13.06 9.06
C ALA A 330 1.90 13.26 9.71
N THR A 331 2.09 12.64 10.85
CA THR A 331 3.35 12.74 11.55
C THR A 331 4.47 11.94 10.86
N VAL A 332 4.09 10.99 10.00
CA VAL A 332 4.99 10.35 9.09
C VAL A 332 5.30 11.18 7.88
N ILE A 333 4.27 11.65 7.23
CA ILE A 333 4.43 12.34 5.98
C ILE A 333 5.23 13.66 6.14
N GLN A 334 5.20 14.30 7.31
CA GLN A 334 5.78 15.59 7.47
C GLN A 334 7.26 15.62 7.13
N ASP A 335 7.96 14.48 7.27
CA ASP A 335 9.38 14.39 7.01
C ASP A 335 9.72 13.97 5.61
N TYR A 336 8.79 14.07 4.69
CA TYR A 336 8.95 13.84 3.28
C TYR A 336 8.88 15.15 2.49
N ASN A 337 9.43 15.15 1.29
CA ASN A 337 9.16 16.19 0.32
C ASN A 337 8.10 15.72 -0.64
N TYR A 338 7.08 16.51 -0.92
CA TYR A 338 6.06 16.15 -1.91
C TYR A 338 6.54 16.38 -3.31
N CYS A 339 6.73 15.29 -4.04
CA CYS A 339 7.41 15.24 -5.33
C CYS A 339 6.41 14.77 -6.40
N ARG A 340 6.74 15.05 -7.63
CA ARG A 340 6.06 14.57 -8.77
C ARG A 340 6.14 13.10 -8.48
N GLU A 341 5.11 12.43 -8.85
CA GLU A 341 4.92 11.01 -8.68
C GLU A 341 4.42 10.54 -7.35
N ASP A 342 4.25 11.46 -6.39
CA ASP A 342 3.65 11.11 -5.17
C ASP A 342 2.12 11.37 -5.11
N GLU A 343 1.49 11.55 -6.26
CA GLU A 343 0.07 11.94 -6.24
C GLU A 343 -0.83 10.99 -5.53
N GLU A 344 -0.54 9.70 -5.46
N GLU A 344 -0.56 9.71 -5.47
CA GLU A 344 -1.48 8.78 -4.82
CA GLU A 344 -1.52 8.83 -4.81
C GLU A 344 -1.60 9.07 -3.33
C GLU A 344 -1.63 9.20 -3.33
N ILE A 345 -0.52 9.49 -2.66
CA ILE A 345 -0.65 9.77 -1.23
C ILE A 345 -1.28 11.13 -1.01
N TYR A 346 -1.02 12.07 -1.92
CA TYR A 346 -1.81 13.35 -1.88
C TYR A 346 -3.31 13.10 -1.98
N LYS A 347 -3.72 12.20 -2.88
CA LYS A 347 -5.13 11.86 -2.98
C LYS A 347 -5.68 11.26 -1.70
N GLU A 348 -4.88 10.44 -1.01
CA GLU A 348 -5.34 9.82 0.18
C GLU A 348 -5.53 10.83 1.28
N PHE A 349 -4.56 11.71 1.46
CA PHE A 349 -4.74 12.79 2.42
C PHE A 349 -5.91 13.75 2.06
N PHE A 350 -6.01 14.07 0.80
CA PHE A 350 -7.13 14.97 0.37
C PHE A 350 -8.42 14.32 0.72
N GLU A 351 -8.63 13.06 0.41
CA GLU A 351 -9.91 12.41 0.73
CA GLU A 351 -9.91 12.44 0.73
C GLU A 351 -10.20 12.36 2.21
N VAL A 352 -9.17 12.06 3.04
CA VAL A 352 -9.35 12.07 4.50
C VAL A 352 -9.77 13.45 5.03
N ALA A 353 -9.05 14.46 4.60
CA ALA A 353 -9.28 15.80 5.10
C ALA A 353 -10.58 16.35 4.60
N ASN A 354 -10.89 16.12 3.34
CA ASN A 354 -11.99 16.88 2.67
C ASN A 354 -13.24 16.09 2.40
N ASP A 355 -13.29 14.83 2.77
CA ASP A 355 -14.47 13.94 2.64
C ASP A 355 -14.70 13.08 3.88
N VAL A 356 -13.71 12.29 4.32
CA VAL A 356 -13.95 11.36 5.38
C VAL A 356 -14.13 12.03 6.73
N ILE A 357 -13.17 12.88 7.11
CA ILE A 357 -13.31 13.57 8.41
C ILE A 357 -14.61 14.42 8.47
N PRO A 358 -14.89 15.15 7.38
CA PRO A 358 -16.14 15.92 7.45
C PRO A 358 -17.36 15.07 7.65
N ASN A 359 -17.42 13.95 6.99
CA ASN A 359 -18.58 13.04 7.15
C ASN A 359 -18.66 12.48 8.58
N LEU A 360 -17.53 12.12 9.13
CA LEU A 360 -17.48 11.60 10.48
C LEU A 360 -17.91 12.65 11.48
N LEU A 361 -17.40 13.86 11.35
CA LEU A 361 -17.71 14.93 12.32
C LEU A 361 -19.18 15.39 12.19
N LYS A 362 -19.73 15.35 10.96
CA LYS A 362 -21.18 15.72 10.73
C LYS A 362 -22.06 14.76 11.51
N GLU A 363 -21.80 13.47 11.41
CA GLU A 363 -22.53 12.48 12.19
C GLU A 363 -22.33 12.67 13.69
N ALA A 364 -21.09 12.87 14.08
CA ALA A 364 -20.83 13.11 15.47
C ALA A 364 -21.59 14.30 16.02
N ALA A 365 -21.74 15.35 15.21
CA ALA A 365 -22.45 16.56 15.63
C ALA A 365 -23.96 16.23 15.80
N SER A 366 -24.52 15.42 14.89
CA SER A 366 -25.94 15.03 15.03
C SER A 366 -26.15 14.22 16.28
N LEU A 367 -25.20 13.30 16.57
CA LEU A 367 -25.34 12.50 17.74
C LEU A 367 -25.15 13.26 19.05
N LEU A 368 -24.28 14.29 19.00
CA LEU A 368 -24.13 15.18 20.16
C LEU A 368 -25.42 15.91 20.43
N GLU A 369 -26.05 16.37 19.38
CA GLU A 369 -27.38 17.02 19.50
C GLU A 369 -28.40 16.11 20.20
N ALA A 370 -28.31 14.80 19.92
CA ALA A 370 -29.16 13.80 20.55
C ALA A 370 -28.70 13.34 21.97
N GLY A 371 -27.68 14.00 22.51
CA GLY A 371 -27.25 13.74 23.88
C GLY A 371 -26.26 12.60 24.08
N SER A 372 -25.35 12.40 23.14
CA SER A 372 -24.29 11.41 23.24
C SER A 372 -23.21 11.87 24.23
N GLN A 373 -22.79 10.95 25.09
CA GLN A 373 -21.76 11.26 26.10
C GLN A 373 -20.46 10.70 25.57
N GLY A 374 -19.37 11.30 26.04
CA GLY A 374 -18.03 10.90 25.65
C GLY A 374 -17.70 11.20 24.19
N SER A 375 -18.46 12.11 23.60
CA SER A 375 -18.31 12.53 22.21
C SER A 375 -16.88 13.00 21.95
N ALA A 376 -16.34 12.65 20.79
CA ALA A 376 -15.08 13.16 20.36
C ALA A 376 -15.19 14.68 20.25
N LEU A 377 -16.37 15.19 19.90
CA LEU A 377 -16.50 16.64 19.70
C LEU A 377 -16.41 17.42 21.05
N GLN A 378 -16.51 16.69 22.17
CA GLN A 378 -16.30 17.30 23.48
C GLN A 378 -14.99 16.92 24.11
N ASP A 379 -14.11 16.25 23.35
CA ASP A 379 -12.85 15.80 23.88
C ASP A 379 -11.75 16.66 23.29
N PRO A 380 -11.08 17.51 24.13
CA PRO A 380 -9.99 18.30 23.57
C PRO A 380 -8.84 17.47 22.95
N GLU A 381 -8.63 16.23 23.41
CA GLU A 381 -7.60 15.39 22.79
C GLU A 381 -7.97 15.07 21.34
N CYS A 382 -9.24 14.93 20.99
CA CYS A 382 -9.70 14.78 19.61
C CYS A 382 -9.43 16.02 18.77
N PHE A 383 -9.67 17.22 19.35
CA PHE A 383 -9.33 18.41 18.66
C PHE A 383 -7.81 18.51 18.42
N ALA A 384 -7.00 18.14 19.43
CA ALA A 384 -5.59 18.14 19.24
C ALA A 384 -5.18 17.16 18.11
N HIS A 385 -5.84 15.98 17.99
CA HIS A 385 -5.50 15.13 16.85
C HIS A 385 -5.77 15.75 15.52
N LEU A 386 -6.95 16.40 15.39
CA LEU A 386 -7.24 17.06 14.18
C LEU A 386 -6.18 18.11 13.82
N LEU A 387 -5.80 18.90 14.82
CA LEU A 387 -4.73 19.85 14.58
C LEU A 387 -3.38 19.28 14.20
N ARG A 388 -3.07 18.15 14.82
CA ARG A 388 -1.81 17.50 14.50
C ARG A 388 -1.82 16.91 13.08
N PHE A 389 -2.99 16.43 12.63
CA PHE A 389 -3.15 15.98 11.26
C PHE A 389 -2.85 17.14 10.30
N TYR A 390 -3.50 18.34 10.51
CA TYR A 390 -3.16 19.43 9.66
C TYR A 390 -1.69 19.93 9.74
N ASP A 391 -1.15 19.92 10.95
CA ASP A 391 0.24 20.33 11.15
C ASP A 391 1.20 19.48 10.31
N GLY A 392 0.97 18.15 10.30
CA GLY A 392 1.83 17.28 9.51
C GLY A 392 1.73 17.54 8.03
N ILE A 393 0.54 17.79 7.53
CA ILE A 393 0.34 18.13 6.15
C ILE A 393 1.03 19.42 5.76
N CYS A 394 0.88 20.38 6.65
CA CYS A 394 1.56 21.65 6.40
C CYS A 394 3.08 21.51 6.42
N LYS A 395 3.62 20.72 7.35
CA LYS A 395 5.07 20.53 7.42
C LYS A 395 5.54 19.81 6.18
N TRP A 396 4.81 18.77 5.76
CA TRP A 396 5.10 18.07 4.50
C TRP A 396 5.38 19.00 3.38
N GLU A 397 4.51 20.00 3.25
CA GLU A 397 4.59 20.97 2.22
C GLU A 397 5.89 21.81 2.26
N GLU A 398 6.39 22.08 3.48
CA GLU A 398 7.57 22.95 3.61
C GLU A 398 8.77 22.33 2.93
N GLY A 399 9.40 23.11 2.07
CA GLY A 399 10.56 22.62 1.35
C GLY A 399 10.29 21.69 0.19
N SER A 400 9.02 21.42 -0.15
CA SER A 400 8.69 20.54 -1.25
C SER A 400 8.74 21.31 -2.56
N PRO A 401 9.04 20.62 -3.67
CA PRO A 401 9.12 21.28 -4.97
C PRO A 401 7.77 21.64 -5.56
N THR A 402 6.70 21.03 -5.03
CA THR A 402 5.34 21.36 -5.42
C THR A 402 4.50 21.57 -4.13
N PRO A 403 3.59 22.57 -4.13
CA PRO A 403 2.71 22.79 -2.96
C PRO A 403 1.67 21.69 -2.72
N VAL A 404 1.12 21.67 -1.52
CA VAL A 404 0.07 20.72 -1.14
C VAL A 404 -1.25 21.40 -0.94
N LEU A 405 -1.28 22.47 -0.13
CA LEU A 405 -2.48 23.08 0.27
C LEU A 405 -2.96 24.10 -0.73
N HIS A 406 -4.27 24.28 -0.78
CA HIS A 406 -4.91 25.32 -1.56
C HIS A 406 -6.24 25.62 -0.93
N VAL A 407 -6.94 26.62 -1.47
CA VAL A 407 -8.15 27.12 -0.82
C VAL A 407 -9.27 26.10 -0.74
N GLY A 408 -9.23 25.12 -1.63
CA GLY A 408 -10.21 24.03 -1.55
C GLY A 408 -10.13 23.22 -0.28
N TRP A 409 -8.93 23.13 0.35
CA TRP A 409 -8.76 22.56 1.68
C TRP A 409 -9.27 23.46 2.83
N ALA A 410 -9.15 24.76 2.62
CA ALA A 410 -9.45 25.73 3.66
C ALA A 410 -10.91 25.68 4.09
N THR A 411 -11.83 25.53 3.19
CA THR A 411 -13.23 25.51 3.57
C THR A 411 -13.54 24.31 4.47
N PHE A 412 -12.96 23.16 4.19
CA PHE A 412 -13.16 22.04 5.04
C PHE A 412 -12.45 22.11 6.38
N LEU A 413 -11.29 22.73 6.41
CA LEU A 413 -10.66 23.03 7.72
C LEU A 413 -11.53 23.90 8.60
N VAL A 414 -12.04 24.96 8.02
CA VAL A 414 -12.89 25.82 8.82
C VAL A 414 -14.14 25.07 9.32
N GLN A 415 -14.74 24.25 8.46
CA GLN A 415 -15.94 23.50 8.85
C GLN A 415 -15.59 22.51 9.97
N SER A 416 -14.46 21.80 9.81
CA SER A 416 -14.10 20.86 10.83
C SER A 416 -13.76 21.45 12.18
N LEU A 417 -12.99 22.54 12.17
CA LEU A 417 -12.71 23.25 13.42
C LEU A 417 -13.94 23.66 14.13
N GLY A 418 -14.90 24.17 13.37
CA GLY A 418 -16.19 24.62 13.87
C GLY A 418 -17.07 23.57 14.53
N ARG A 419 -16.81 22.30 14.21
CA ARG A 419 -17.54 21.21 14.80
C ARG A 419 -17.26 21.07 16.29
N PHE A 420 -16.13 21.63 16.72
CA PHE A 420 -15.80 21.65 18.14
C PHE A 420 -16.15 23.00 18.73
N GLU A 421 -16.89 23.01 19.82
CA GLU A 421 -17.18 24.24 20.48
C GLU A 421 -16.00 24.97 21.02
N GLY A 422 -16.08 26.30 21.13
CA GLY A 422 -14.92 27.05 21.56
C GLY A 422 -14.40 26.64 22.94
N GLN A 423 -15.28 26.23 23.84
CA GLN A 423 -14.86 25.76 25.16
C GLN A 423 -14.14 24.48 25.17
N VAL A 424 -14.33 23.70 24.14
CA VAL A 424 -13.51 22.52 23.92
C VAL A 424 -12.15 22.85 23.33
N ARG A 425 -12.16 23.66 22.27
CA ARG A 425 -10.93 24.04 21.60
C ARG A 425 -10.01 24.86 22.52
N GLN A 426 -10.55 25.65 23.43
N GLN A 426 -10.56 25.63 23.44
CA GLN A 426 -9.75 26.36 24.40
CA GLN A 426 -9.78 26.36 24.41
C GLN A 426 -8.87 25.46 25.25
C GLN A 426 -9.00 25.52 25.37
N LYS A 427 -9.33 24.24 25.50
CA LYS A 427 -8.62 23.37 26.44
C LYS A 427 -7.36 22.76 25.87
N VAL A 428 -7.10 22.89 24.57
CA VAL A 428 -5.78 22.40 24.07
C VAL A 428 -4.73 23.47 24.29
N ARG A 429 -3.63 23.10 24.95
CA ARG A 429 -2.50 24.03 25.15
C ARG A 429 -1.46 23.75 24.02
N ILE A 430 -1.21 24.82 23.27
CA ILE A 430 -0.29 24.75 22.15
C ILE A 430 0.99 25.37 22.69
N VAL A 431 1.98 24.50 22.80
CA VAL A 431 3.28 24.80 23.45
C VAL A 431 4.33 24.91 22.36
N SER A 432 5.22 25.87 22.56
CA SER A 432 6.29 26.15 21.63
C SER A 432 7.54 25.45 22.09
N VAL A 433 8.23 24.85 21.14
CA VAL A 433 9.65 24.51 21.30
C VAL A 433 10.48 25.74 20.85
N PRO A 434 11.29 26.30 21.76
CA PRO A 434 11.38 26.06 23.20
C PRO A 434 10.50 27.05 23.95
CA ALA A 435 -5.01 19.22 29.96
C ALA A 435 -4.14 18.84 28.77
N PRO A 436 -4.75 18.74 27.56
CA PRO A 436 -3.94 18.37 26.39
C PRO A 436 -2.94 19.43 25.96
N VAL A 437 -1.81 18.92 25.46
CA VAL A 437 -0.71 19.77 25.07
C VAL A 437 -0.26 19.26 23.70
N LEU A 438 0.02 20.22 22.83
CA LEU A 438 0.40 19.91 21.48
C LEU A 438 1.51 20.91 21.09
N THR A 439 2.50 20.40 20.34
CA THR A 439 3.54 21.24 19.71
C THR A 439 3.37 21.17 18.21
N PHE A 440 3.35 22.31 17.55
CA PHE A 440 3.32 22.36 16.11
C PHE A 440 4.71 22.35 15.54
N GLN A 441 4.88 21.61 14.45
CA GLN A 441 6.11 21.66 13.65
C GLN A 441 6.08 22.58 12.47
N SER A 442 4.88 22.86 11.95
CA SER A 442 4.75 23.71 10.77
C SER A 442 4.57 25.17 11.10
N GLU A 443 5.19 25.97 10.27
CA GLU A 443 4.99 27.42 10.44
C GLU A 443 3.54 27.85 10.13
N LYS A 444 2.85 27.18 9.21
CA LYS A 444 1.43 27.55 8.96
C LYS A 444 0.62 27.35 10.21
N MET A 445 0.74 26.25 10.94
CA MET A 445 -0.09 26.04 12.09
C MET A 445 0.32 26.92 13.28
N LYS A 446 1.64 27.17 13.42
CA LYS A 446 2.06 28.16 14.48
C LYS A 446 1.42 29.50 14.30
N GLY A 447 1.24 29.93 13.07
CA GLY A 447 0.66 31.21 12.87
C GLY A 447 -0.85 31.14 13.01
N MET A 448 -1.46 29.97 13.06
CA MET A 448 -2.93 29.80 13.06
C MET A 448 -3.32 29.77 14.54
N LYS A 449 -2.37 29.56 15.44
CA LYS A 449 -2.64 29.22 16.82
C LYS A 449 -3.69 30.17 17.45
N GLU A 450 -3.43 31.43 17.11
N GLU A 450 -3.53 31.47 17.37
CA GLU A 450 -4.15 32.61 17.52
CA GLU A 450 -4.53 32.27 18.07
C GLU A 450 -5.64 32.59 17.18
C GLU A 450 -5.90 32.10 17.46
N LEU A 451 -6.00 31.86 16.14
CA LEU A 451 -7.36 31.71 15.58
C LEU A 451 -8.12 30.48 16.05
N LEU A 452 -7.47 29.56 16.71
CA LEU A 452 -8.05 28.25 16.94
C LEU A 452 -8.99 28.20 18.14
N VAL A 453 -9.10 29.27 18.96
CA VAL A 453 -9.99 29.28 20.16
C VAL A 453 -11.23 30.23 20.15
N ALA A 454 -11.27 31.21 19.24
CA ALA A 454 -12.42 32.11 19.12
C ALA A 454 -13.73 31.35 19.04
N THR A 455 -14.79 31.89 19.65
CA THR A 455 -16.04 31.18 19.70
C THR A 455 -16.58 30.98 18.28
N LYS A 456 -16.48 32.04 17.49
CA LYS A 456 -16.70 31.93 16.06
C LYS A 456 -15.33 32.09 15.42
N ILE A 457 -14.98 31.07 14.69
CA ILE A 457 -13.78 31.03 13.93
C ILE A 457 -13.78 32.08 12.82
N ASN A 458 -12.67 32.81 12.73
CA ASN A 458 -12.49 33.81 11.66
C ASN A 458 -12.08 33.01 10.41
N SER A 459 -13.04 32.66 9.59
CA SER A 459 -12.89 31.88 8.41
C SER A 459 -11.92 32.51 7.40
N SER A 460 -12.07 33.79 7.16
N SER A 460 -12.06 33.81 7.14
CA SER A 460 -11.24 34.45 6.18
CA SER A 460 -11.21 34.43 6.15
C SER A 460 -9.77 34.42 6.61
C SER A 460 -9.73 34.39 6.61
N ALA A 461 -9.51 34.67 7.90
CA ALA A 461 -8.11 34.71 8.41
C ALA A 461 -7.53 33.28 8.35
N ILE A 462 -8.30 32.26 8.73
CA ILE A 462 -7.84 30.84 8.63
C ILE A 462 -7.46 30.54 7.19
N LYS A 463 -8.30 30.93 6.24
CA LYS A 463 -7.98 30.66 4.86
C LYS A 463 -6.68 31.34 4.43
N LEU A 464 -6.52 32.58 4.80
CA LEU A 464 -5.29 33.30 4.45
C LEU A 464 -4.08 32.54 5.02
N GLN A 465 -4.19 32.03 6.24
CA GLN A 465 -3.01 31.43 6.88
C GLN A 465 -2.73 30.05 6.29
N LEU A 466 -3.76 29.32 5.85
CA LEU A 466 -3.52 27.97 5.35
C LEU A 466 -2.95 28.02 3.95
N THR A 467 -3.29 29.09 3.19
CA THR A 467 -2.93 29.08 1.78
C THR A 467 -1.85 30.08 1.47
N ALA A 468 -1.52 30.90 2.47
CA ALA A 468 -0.40 31.81 2.54
C ALA A 468 -0.74 32.89 1.47
N GLN A 469 -2.06 33.10 1.33
CA GLN A 469 -2.69 34.05 0.38
C GLN A 469 -2.37 35.38 0.89
N SER A 470 -1.85 36.20 0.00
CA SER A 470 -1.19 37.41 0.49
C SER A 470 -2.28 38.47 0.67
N GLN A 471 -3.28 38.49 -0.20
CA GLN A 471 -4.18 39.64 -0.34
C GLN A 471 -5.66 39.27 -0.36
N VAL A 472 -6.55 40.20 -0.02
CA VAL A 472 -7.98 40.00 -0.18
C VAL A 472 -8.52 40.95 -1.25
N GLN A 473 -9.77 40.67 -1.63
CA GLN A 473 -10.38 41.19 -2.85
C GLN A 473 -10.33 42.72 -2.81
N MET A 474 -10.11 43.33 -3.97
CA MET A 474 -9.87 44.77 -4.09
C MET A 474 -11.10 45.58 -3.71
N LYS A 475 -12.21 45.36 -4.40
CA LYS A 475 -13.48 46.03 -4.06
C LYS A 475 -14.24 45.38 -2.89
#